data_3WE2
#
_entry.id   3WE2
#
_cell.length_a   59.218
_cell.length_b   59.218
_cell.length_c   210.146
_cell.angle_alpha   90.00
_cell.angle_beta   90.00
_cell.angle_gamma   90.00
#
_symmetry.space_group_name_H-M   'P 43 21 2'
#
loop_
_entity.id
_entity.type
_entity.pdbx_description
1 polymer 'Bloom syndrome protein'
2 non-polymer 'PHOSPHATE ION'
3 non-polymer 'ACETATE ION'
4 water water
#
_entity_poly.entity_id   1
_entity_poly.type   'polypeptide(L)'
_entity_poly.pdbx_seq_one_letter_code
;GPLGSKTKDYKTRDVTDDVKSIVRFVQEHSSSQGMRNIKHVGPSGRFTMNMLVDIFLGSKSAKIQSGIFGKGSAYSRHNA
ERLFKKLILDKILDEDLYINANDQAIAYVMLGNKAQTVLNGNLKVDFMETENSSSVKKQKALVAKVS
;
_entity_poly.pdbx_strand_id   A,B
#
loop_
_chem_comp.id
_chem_comp.type
_chem_comp.name
_chem_comp.formula
ACT non-polymer 'ACETATE ION' 'C2 H3 O2 -1'
PO4 non-polymer 'PHOSPHATE ION' 'O4 P -3'
#
# COMPACT_ATOMS: atom_id res chain seq x y z
N THR A 12 16.81 -5.02 10.89
CA THR A 12 16.57 -3.63 11.40
C THR A 12 15.22 -3.57 12.12
N ARG A 13 14.18 -3.19 11.38
CA ARG A 13 12.81 -3.08 11.91
C ARG A 13 12.28 -4.43 12.36
N ASP A 14 11.63 -4.46 13.52
CA ASP A 14 11.05 -5.69 14.04
C ASP A 14 9.65 -5.85 13.45
N VAL A 15 9.43 -6.94 12.72
CA VAL A 15 8.15 -7.19 12.08
C VAL A 15 7.47 -8.42 12.69
N THR A 16 7.41 -8.48 14.02
CA THR A 16 6.81 -9.64 14.68
C THR A 16 5.31 -9.63 14.82
N ASP A 17 4.76 -8.52 15.31
CA ASP A 17 3.32 -8.45 15.49
C ASP A 17 2.56 -8.56 14.18
N ASP A 18 3.24 -8.21 13.10
CA ASP A 18 2.64 -8.29 11.78
C ASP A 18 2.65 -9.74 11.36
N VAL A 19 3.79 -10.42 11.55
CA VAL A 19 3.88 -11.81 11.17
C VAL A 19 2.88 -12.65 11.96
N LYS A 20 2.69 -12.30 13.21
CA LYS A 20 1.76 -13.04 14.05
C LYS A 20 0.37 -13.05 13.43
N SER A 21 -0.09 -11.85 13.05
CA SER A 21 -1.41 -11.69 12.45
C SER A 21 -1.48 -12.19 11.01
N ILE A 22 -0.39 -12.06 10.26
CA ILE A 22 -0.39 -12.57 8.90
C ILE A 22 -0.59 -14.07 9.01
N VAL A 23 0.10 -14.67 9.98
CA VAL A 23 -0.02 -16.10 10.20
C VAL A 23 -1.42 -16.47 10.64
N ARG A 24 -1.90 -15.79 11.67
CA ARG A 24 -3.23 -16.08 12.17
C ARG A 24 -4.23 -15.96 11.02
N PHE A 25 -4.03 -14.94 10.19
CA PHE A 25 -4.89 -14.69 9.05
C PHE A 25 -4.87 -15.87 8.10
N VAL A 26 -3.70 -16.15 7.52
CA VAL A 26 -3.57 -17.26 6.60
C VAL A 26 -4.31 -18.48 7.08
N GLN A 27 -4.17 -18.81 8.36
CA GLN A 27 -4.84 -20.00 8.85
C GLN A 27 -6.32 -19.82 9.10
N GLU A 28 -6.77 -18.58 9.28
CA GLU A 28 -8.19 -18.36 9.50
C GLU A 28 -8.94 -18.69 8.20
N HIS A 29 -8.33 -18.33 7.08
CA HIS A 29 -8.91 -18.58 5.76
C HIS A 29 -8.53 -19.96 5.20
N SER A 30 -8.44 -20.94 6.09
CA SER A 30 -8.10 -22.31 5.72
C SER A 30 -9.19 -23.27 6.12
N SER A 31 -9.98 -22.89 7.11
CA SER A 31 -11.07 -23.76 7.57
C SER A 31 -12.26 -22.93 8.00
N SER A 32 -13.37 -23.63 8.24
CA SER A 32 -14.59 -22.98 8.67
C SER A 32 -14.72 -23.17 10.17
N GLN A 33 -13.69 -22.78 10.91
CA GLN A 33 -13.72 -22.93 12.36
C GLN A 33 -15.08 -22.51 12.89
N GLY A 34 -15.61 -23.30 13.81
CA GLY A 34 -16.92 -23.04 14.37
C GLY A 34 -17.82 -24.21 14.04
N MET A 35 -18.46 -24.16 12.87
CA MET A 35 -19.35 -25.24 12.44
C MET A 35 -18.73 -26.60 12.74
N ARG A 36 -19.57 -27.56 13.13
CA ARG A 36 -19.13 -28.92 13.45
C ARG A 36 -18.10 -29.45 12.45
N ASN A 37 -18.51 -29.57 11.19
CA ASN A 37 -17.63 -30.05 10.13
C ASN A 37 -16.57 -28.98 9.88
N ILE A 38 -15.44 -29.04 10.56
CA ILE A 38 -14.37 -28.06 10.34
C ILE A 38 -13.82 -28.27 8.93
N LYS A 39 -14.59 -27.83 7.93
CA LYS A 39 -14.25 -27.95 6.51
C LYS A 39 -13.02 -27.13 6.17
N HIS A 40 -12.22 -27.63 5.22
CA HIS A 40 -10.98 -26.95 4.80
C HIS A 40 -11.12 -26.24 3.44
N VAL A 41 -10.38 -25.15 3.28
CA VAL A 41 -10.40 -24.35 2.07
C VAL A 41 -9.20 -24.70 1.20
N GLY A 42 -9.07 -23.99 0.07
CA GLY A 42 -7.97 -24.23 -0.84
C GLY A 42 -8.20 -25.52 -1.60
N PRO A 43 -7.40 -25.80 -2.64
CA PRO A 43 -6.30 -24.97 -3.13
C PRO A 43 -6.82 -23.68 -3.76
N SER A 44 -8.00 -23.73 -4.32
CA SER A 44 -8.56 -22.55 -4.96
C SER A 44 -8.87 -21.40 -4.00
N GLY A 45 -9.18 -21.74 -2.75
CA GLY A 45 -9.50 -20.72 -1.75
C GLY A 45 -8.28 -20.31 -0.94
N ARG A 46 -7.11 -20.48 -1.54
CA ARG A 46 -5.87 -20.13 -0.88
C ARG A 46 -5.33 -18.88 -1.55
N PHE A 47 -4.40 -18.21 -0.89
CA PHE A 47 -3.85 -17.00 -1.45
C PHE A 47 -2.50 -17.16 -2.14
N THR A 48 -2.30 -16.44 -3.23
CA THR A 48 -1.02 -16.47 -3.89
C THR A 48 -0.26 -15.44 -3.05
N MET A 49 1.06 -15.42 -3.11
CA MET A 49 1.79 -14.45 -2.33
C MET A 49 1.33 -13.02 -2.66
N ASN A 50 0.99 -12.78 -3.92
CA ASN A 50 0.54 -11.45 -4.32
C ASN A 50 -0.81 -11.09 -3.72
N MET A 51 -1.74 -12.02 -3.67
CA MET A 51 -3.03 -11.73 -3.09
C MET A 51 -2.82 -11.34 -1.64
N LEU A 52 -1.86 -11.98 -0.99
CA LEU A 52 -1.56 -11.66 0.40
C LEU A 52 -0.91 -10.29 0.49
N VAL A 53 0.01 -10.03 -0.43
CA VAL A 53 0.66 -8.73 -0.47
C VAL A 53 -0.41 -7.65 -0.74
N ASP A 54 -1.26 -7.86 -1.75
CA ASP A 54 -2.36 -6.92 -2.08
C ASP A 54 -3.26 -6.70 -0.88
N ILE A 55 -3.65 -7.77 -0.19
CA ILE A 55 -4.50 -7.60 0.99
C ILE A 55 -3.76 -6.80 2.04
N PHE A 56 -2.56 -7.25 2.37
CA PHE A 56 -1.74 -6.58 3.36
C PHE A 56 -1.62 -5.08 3.07
N LEU A 57 -1.18 -4.75 1.86
CA LEU A 57 -0.98 -3.38 1.40
C LEU A 57 -2.29 -2.63 1.17
N GLY A 58 -3.34 -2.94 1.93
CA GLY A 58 -4.62 -2.27 1.72
C GLY A 58 -5.09 -2.08 0.27
N SER A 59 -4.49 -2.78 -0.69
CA SER A 59 -4.90 -2.64 -2.09
C SER A 59 -6.39 -2.80 -2.20
N LYS A 60 -6.96 -2.32 -3.30
CA LYS A 60 -8.41 -2.45 -3.47
C LYS A 60 -8.74 -3.57 -4.43
N SER A 61 -7.73 -4.36 -4.77
CA SER A 61 -7.93 -5.49 -5.64
C SER A 61 -7.84 -6.69 -4.69
N ALA A 62 -7.78 -6.38 -3.40
CA ALA A 62 -7.67 -7.42 -2.39
C ALA A 62 -8.90 -8.31 -2.44
N LYS A 63 -8.70 -9.62 -2.45
CA LYS A 63 -9.80 -10.57 -2.46
C LYS A 63 -10.56 -10.44 -1.15
N ILE A 64 -9.81 -10.31 -0.07
CA ILE A 64 -10.40 -10.15 1.24
C ILE A 64 -10.02 -8.76 1.73
N GLN A 65 -10.97 -8.05 2.34
CA GLN A 65 -10.67 -6.72 2.81
C GLN A 65 -11.10 -6.54 4.25
N SER A 66 -10.63 -7.47 5.08
CA SER A 66 -10.88 -7.48 6.50
C SER A 66 -9.59 -8.11 7.06
N GLY A 67 -9.62 -8.57 8.32
CA GLY A 67 -8.42 -9.17 8.90
C GLY A 67 -7.21 -8.24 8.86
N ILE A 68 -6.21 -8.60 8.05
CA ILE A 68 -5.00 -7.81 7.93
C ILE A 68 -5.08 -6.88 6.74
N PHE A 69 -6.28 -6.46 6.38
CA PHE A 69 -6.43 -5.61 5.19
C PHE A 69 -5.66 -4.30 5.17
N GLY A 70 -5.66 -3.57 6.27
CA GLY A 70 -4.93 -2.31 6.23
C GLY A 70 -3.52 -2.32 6.77
N LYS A 71 -3.18 -3.36 7.54
CA LYS A 71 -1.88 -3.47 8.18
C LYS A 71 -0.67 -2.89 7.46
N GLY A 72 -0.37 -3.39 6.27
CA GLY A 72 0.80 -2.92 5.53
C GLY A 72 0.90 -1.51 5.00
N SER A 73 0.05 -0.61 5.46
CA SER A 73 0.08 0.76 4.98
C SER A 73 1.35 1.54 5.26
N ALA A 74 2.31 0.95 5.98
CA ALA A 74 3.57 1.65 6.28
C ALA A 74 4.72 1.03 5.51
N TYR A 75 4.39 0.04 4.68
CA TYR A 75 5.35 -0.68 3.84
C TYR A 75 5.30 -0.26 2.39
N SER A 76 6.45 -0.21 1.76
CA SER A 76 6.51 0.11 0.35
C SER A 76 6.03 -1.20 -0.28
N ARG A 77 5.55 -1.17 -1.51
CA ARG A 77 5.12 -2.41 -2.13
C ARG A 77 6.31 -3.33 -2.23
N HIS A 78 7.46 -2.74 -2.53
CA HIS A 78 8.72 -3.48 -2.65
C HIS A 78 9.03 -4.26 -1.37
N ASN A 79 8.97 -3.57 -0.24
CA ASN A 79 9.24 -4.18 1.04
C ASN A 79 8.20 -5.16 1.52
N ALA A 80 6.92 -4.89 1.25
CA ALA A 80 5.86 -5.80 1.65
C ALA A 80 6.12 -7.14 0.98
N GLU A 81 6.60 -7.10 -0.27
CA GLU A 81 6.90 -8.32 -1.01
C GLU A 81 8.06 -9.05 -0.35
N ARG A 82 9.15 -8.35 -0.12
CA ARG A 82 10.30 -8.96 0.50
C ARG A 82 9.97 -9.53 1.89
N LEU A 83 9.02 -8.93 2.59
CA LEU A 83 8.64 -9.44 3.90
C LEU A 83 8.00 -10.82 3.73
N PHE A 84 7.29 -11.02 2.63
CA PHE A 84 6.62 -12.28 2.37
C PHE A 84 7.58 -13.29 1.77
N LYS A 85 8.48 -12.82 0.93
CA LYS A 85 9.49 -13.68 0.34
C LYS A 85 10.28 -14.29 1.51
N LYS A 86 10.54 -13.45 2.50
CA LYS A 86 11.27 -13.88 3.68
C LYS A 86 10.46 -14.85 4.51
N LEU A 87 9.23 -14.49 4.88
CA LEU A 87 8.41 -15.39 5.69
C LEU A 87 8.30 -16.80 5.10
N ILE A 88 8.50 -16.93 3.79
CA ILE A 88 8.43 -18.23 3.13
C ILE A 88 9.78 -18.87 3.38
N LEU A 89 10.83 -18.11 3.06
CA LEU A 89 12.21 -18.55 3.26
C LEU A 89 12.40 -19.09 4.67
N ASP A 90 11.83 -18.41 5.66
CA ASP A 90 11.93 -18.83 7.06
C ASP A 90 10.95 -19.95 7.42
N LYS A 91 10.36 -20.55 6.41
CA LYS A 91 9.41 -21.64 6.67
C LYS A 91 8.26 -21.25 7.60
N ILE A 92 8.04 -19.95 7.80
CA ILE A 92 6.93 -19.48 8.64
C ILE A 92 5.69 -19.60 7.77
N LEU A 93 5.91 -19.42 6.48
CA LEU A 93 4.86 -19.53 5.48
C LEU A 93 5.48 -20.36 4.39
N ASP A 94 4.68 -21.23 3.80
CA ASP A 94 5.17 -22.06 2.72
C ASP A 94 4.21 -21.99 1.55
N GLU A 95 4.63 -22.51 0.39
CA GLU A 95 3.76 -22.51 -0.76
C GLU A 95 3.89 -23.76 -1.62
N ASP A 96 2.74 -24.40 -1.88
CA ASP A 96 2.71 -25.60 -2.70
C ASP A 96 2.10 -25.15 -4.02
N LEU A 97 1.95 -26.06 -4.98
CA LEU A 97 1.37 -25.67 -6.28
C LEU A 97 -0.04 -26.21 -6.52
N TYR A 98 -0.82 -25.44 -7.26
CA TYR A 98 -2.17 -25.84 -7.60
C TYR A 98 -2.17 -25.93 -9.13
N ILE A 99 -3.06 -26.74 -9.66
CA ILE A 99 -3.17 -26.88 -11.12
C ILE A 99 -4.64 -26.86 -11.48
N ASN A 100 -5.08 -25.77 -12.11
CA ASN A 100 -6.48 -25.62 -12.51
C ASN A 100 -6.77 -26.43 -13.79
N ALA A 101 -8.04 -26.50 -14.19
CA ALA A 101 -8.43 -27.28 -15.37
C ALA A 101 -7.81 -26.81 -16.68
N ASN A 102 -7.38 -25.56 -16.75
CA ASN A 102 -6.77 -25.07 -17.96
C ASN A 102 -5.31 -25.55 -17.97
N ASP A 103 -4.92 -26.30 -16.94
CA ASP A 103 -3.58 -26.85 -16.77
C ASP A 103 -2.48 -25.83 -16.50
N GLN A 104 -2.77 -24.96 -15.55
CA GLN A 104 -1.84 -23.90 -15.15
C GLN A 104 -1.37 -24.23 -13.75
N ALA A 105 -0.10 -23.96 -13.49
CA ALA A 105 0.47 -24.22 -12.17
C ALA A 105 0.52 -22.91 -11.42
N ILE A 106 -0.28 -22.84 -10.36
CA ILE A 106 -0.34 -21.65 -9.53
C ILE A 106 0.20 -22.00 -8.15
N ALA A 107 1.05 -21.14 -7.62
CA ALA A 107 1.67 -21.32 -6.31
C ALA A 107 0.86 -20.59 -5.25
N TYR A 108 0.35 -21.33 -4.28
CA TYR A 108 -0.42 -20.73 -3.21
C TYR A 108 0.31 -20.89 -1.89
N VAL A 109 0.05 -19.97 -0.97
CA VAL A 109 0.67 -19.91 0.34
C VAL A 109 -0.08 -20.66 1.43
N MET A 110 0.67 -21.25 2.35
CA MET A 110 0.10 -21.98 3.49
C MET A 110 1.09 -21.82 4.63
N LEU A 111 0.72 -22.21 5.84
CA LEU A 111 1.62 -22.07 6.98
C LEU A 111 2.73 -23.13 6.98
N GLY A 112 3.93 -22.72 7.38
CA GLY A 112 5.06 -23.63 7.43
C GLY A 112 5.41 -24.06 8.85
N ASN A 113 6.16 -25.14 8.98
CA ASN A 113 6.57 -25.64 10.30
C ASN A 113 7.54 -24.66 10.93
N LYS A 114 6.98 -23.64 11.58
CA LYS A 114 7.75 -22.59 12.23
C LYS A 114 6.77 -21.47 12.52
N ALA A 115 5.59 -21.59 11.91
CA ALA A 115 4.56 -20.59 12.08
C ALA A 115 4.06 -20.64 13.52
N GLN A 116 3.72 -21.84 13.99
CA GLN A 116 3.21 -22.01 15.36
C GLN A 116 4.20 -21.44 16.37
N THR A 117 5.47 -21.45 16.00
CA THR A 117 6.51 -20.93 16.89
C THR A 117 6.31 -19.43 17.09
N VAL A 118 6.22 -18.70 15.99
CA VAL A 118 6.04 -17.25 16.05
C VAL A 118 4.76 -16.88 16.78
N LEU A 119 3.79 -17.79 16.75
CA LEU A 119 2.51 -17.56 17.43
C LEU A 119 2.67 -17.70 18.94
N ASN A 120 3.67 -18.47 19.34
CA ASN A 120 3.93 -18.66 20.76
C ASN A 120 5.02 -17.71 21.22
N GLY A 121 5.22 -16.63 20.46
CA GLY A 121 6.22 -15.64 20.80
C GLY A 121 7.63 -16.19 20.92
N ASN A 122 7.76 -17.51 20.84
CA ASN A 122 9.05 -18.18 20.95
C ASN A 122 10.02 -17.74 19.88
N LEU A 123 9.51 -17.07 18.85
CA LEU A 123 10.34 -16.58 17.76
C LEU A 123 9.98 -15.16 17.34
N LYS A 124 10.98 -14.28 17.36
CA LYS A 124 10.78 -12.91 16.96
C LYS A 124 11.28 -12.83 15.52
N VAL A 125 10.64 -12.01 14.70
CA VAL A 125 11.05 -11.86 13.32
C VAL A 125 11.59 -10.45 13.09
N ASP A 126 12.68 -10.36 12.36
CA ASP A 126 13.27 -9.07 12.06
C ASP A 126 13.40 -8.95 10.57
N PHE A 127 13.21 -7.73 10.08
CA PHE A 127 13.23 -7.46 8.65
C PHE A 127 14.08 -6.23 8.32
N MET A 128 14.82 -6.32 7.22
CA MET A 128 15.66 -5.21 6.79
C MET A 128 14.97 -4.48 5.63
N GLU A 129 14.52 -3.25 5.88
CA GLU A 129 13.86 -2.45 4.85
C GLU A 129 14.85 -2.12 3.73
N THR A 130 14.44 -2.34 2.48
CA THR A 130 15.29 -2.07 1.31
C THR A 130 14.66 -1.02 0.41
N GLU A 131 15.49 -0.38 -0.41
CA GLU A 131 15.02 0.64 -1.36
C GLU A 131 14.82 0.04 -2.75
N ASN A 132 14.57 0.89 -3.74
CA ASN A 132 14.34 0.43 -5.11
C ASN A 132 12.97 -0.25 -5.23
CA LYS B 11 16.11 10.35 6.99
C LYS B 11 15.57 11.32 5.93
N THR B 12 15.62 12.61 6.25
CA THR B 12 15.16 13.69 5.35
C THR B 12 15.88 13.74 4.00
N ARG B 13 15.29 14.43 3.03
CA ARG B 13 15.87 14.49 1.68
C ARG B 13 15.21 15.55 0.80
N ASP B 14 15.86 15.89 -0.31
CA ASP B 14 15.29 16.87 -1.23
C ASP B 14 14.35 16.16 -2.19
N VAL B 15 13.16 16.72 -2.37
CA VAL B 15 12.16 16.14 -3.25
C VAL B 15 11.61 17.20 -4.21
N THR B 16 12.41 18.23 -4.46
CA THR B 16 11.98 19.31 -5.34
C THR B 16 11.49 18.86 -6.71
N ASP B 17 12.16 17.91 -7.33
CA ASP B 17 11.73 17.45 -8.64
C ASP B 17 10.40 16.72 -8.62
N ASP B 18 10.22 15.82 -7.67
CA ASP B 18 8.96 15.09 -7.59
C ASP B 18 7.83 16.06 -7.33
N VAL B 19 8.13 17.11 -6.58
CA VAL B 19 7.10 18.10 -6.28
C VAL B 19 6.76 18.89 -7.52
N LYS B 20 7.75 19.19 -8.35
CA LYS B 20 7.46 19.93 -9.57
C LYS B 20 6.60 19.05 -10.46
N SER B 21 6.95 17.77 -10.55
CA SER B 21 6.17 16.84 -11.36
C SER B 21 4.74 16.77 -10.85
N ILE B 22 4.59 16.77 -9.52
CA ILE B 22 3.27 16.70 -8.90
C ILE B 22 2.40 17.92 -9.22
N VAL B 23 2.97 19.11 -9.14
CA VAL B 23 2.18 20.31 -9.44
C VAL B 23 1.95 20.47 -10.95
N ARG B 24 2.94 20.15 -11.76
CA ARG B 24 2.78 20.26 -13.22
C ARG B 24 1.68 19.31 -13.65
N PHE B 25 1.59 18.20 -12.92
CA PHE B 25 0.60 17.18 -13.18
C PHE B 25 -0.78 17.68 -12.76
N VAL B 26 -0.87 18.21 -11.54
CA VAL B 26 -2.14 18.70 -11.03
C VAL B 26 -2.71 19.86 -11.82
N GLN B 27 -1.86 20.81 -12.21
CA GLN B 27 -2.32 21.97 -12.97
C GLN B 27 -2.65 21.54 -14.39
N GLU B 28 -1.92 20.55 -14.87
CA GLU B 28 -2.13 20.04 -16.20
C GLU B 28 -3.48 19.35 -16.37
N HIS B 29 -4.07 18.89 -15.28
CA HIS B 29 -5.36 18.22 -15.40
C HIS B 29 -6.52 19.01 -14.80
N SER B 30 -6.22 19.92 -13.87
CA SER B 30 -7.25 20.71 -13.22
C SER B 30 -7.70 21.96 -14.02
N SER B 31 -6.80 22.49 -14.85
CA SER B 31 -7.10 23.68 -15.65
C SER B 31 -7.88 23.33 -16.92
N GLY B 42 -17.27 25.19 -7.71
CA GLY B 42 -16.03 25.07 -6.95
C GLY B 42 -15.25 23.82 -7.30
N PRO B 43 -14.38 23.32 -6.39
CA PRO B 43 -13.60 22.12 -6.70
C PRO B 43 -14.48 20.86 -6.88
N SER B 44 -14.64 20.41 -8.13
CA SER B 44 -15.43 19.21 -8.39
C SER B 44 -14.99 18.48 -9.67
N GLY B 45 -14.14 19.15 -10.45
CA GLY B 45 -13.60 18.56 -11.67
C GLY B 45 -12.12 18.34 -11.42
N ARG B 46 -11.78 18.17 -10.14
CA ARG B 46 -10.39 18.01 -9.71
C ARG B 46 -10.09 16.66 -9.05
N PHE B 47 -8.84 16.48 -8.63
CA PHE B 47 -8.40 15.25 -7.99
C PHE B 47 -8.65 15.24 -6.47
N THR B 48 -8.80 14.05 -5.92
CA THR B 48 -8.98 13.93 -4.49
C THR B 48 -7.62 13.41 -4.04
N MET B 49 -7.29 13.54 -2.76
CA MET B 49 -6.01 13.05 -2.33
C MET B 49 -5.74 11.57 -2.55
N ASN B 50 -6.73 10.72 -2.35
CA ASN B 50 -6.53 9.30 -2.56
C ASN B 50 -6.21 9.01 -4.04
N MET B 51 -6.82 9.75 -4.97
CA MET B 51 -6.54 9.55 -6.40
C MET B 51 -5.11 9.96 -6.76
N LEU B 52 -4.60 11.02 -6.14
CA LEU B 52 -3.25 11.47 -6.39
C LEU B 52 -2.25 10.50 -5.80
N VAL B 53 -2.55 9.98 -4.63
CA VAL B 53 -1.67 9.02 -4.01
C VAL B 53 -1.72 7.74 -4.84
N ASP B 54 -2.92 7.33 -5.23
CA ASP B 54 -3.09 6.13 -6.04
C ASP B 54 -2.21 6.21 -7.26
N ILE B 55 -2.18 7.39 -7.88
CA ILE B 55 -1.40 7.60 -9.08
C ILE B 55 0.10 7.73 -8.75
N PHE B 56 0.42 8.47 -7.72
CA PHE B 56 1.81 8.64 -7.35
C PHE B 56 2.49 7.30 -7.02
N LEU B 57 1.76 6.42 -6.32
CA LEU B 57 2.28 5.12 -5.94
C LEU B 57 2.32 4.18 -7.12
N GLY B 58 1.47 4.46 -8.09
CA GLY B 58 1.43 3.62 -9.26
C GLY B 58 0.49 2.48 -8.98
N SER B 59 -0.63 2.81 -8.36
CA SER B 59 -1.63 1.81 -8.03
C SER B 59 -2.24 1.25 -9.30
N LYS B 60 -2.87 0.09 -9.20
CA LYS B 60 -3.54 -0.49 -10.36
C LYS B 60 -4.84 0.31 -10.49
N SER B 61 -5.36 0.75 -9.35
CA SER B 61 -6.57 1.57 -9.27
C SER B 61 -6.36 2.90 -10.00
N ALA B 62 -5.11 3.31 -10.16
CA ALA B 62 -4.78 4.56 -10.81
C ALA B 62 -5.63 4.79 -12.05
N LYS B 63 -6.32 5.93 -12.08
CA LYS B 63 -7.17 6.31 -13.20
C LYS B 63 -6.31 6.80 -14.37
N ILE B 64 -5.45 7.77 -14.09
CA ILE B 64 -4.51 8.33 -15.08
C ILE B 64 -3.22 7.56 -14.90
N GLN B 65 -2.68 6.98 -15.97
CA GLN B 65 -1.44 6.23 -15.82
C GLN B 65 -0.22 6.76 -16.58
N SER B 66 -0.01 8.07 -16.51
CA SER B 66 1.12 8.73 -17.16
C SER B 66 1.63 9.78 -16.18
N GLY B 67 2.53 10.64 -16.62
CA GLY B 67 3.05 11.67 -15.73
C GLY B 67 3.74 11.17 -14.46
N ILE B 68 3.18 11.52 -13.29
CA ILE B 68 3.76 11.11 -12.01
C ILE B 68 3.42 9.69 -11.58
N PHE B 69 2.71 8.96 -12.44
CA PHE B 69 2.34 7.59 -12.11
C PHE B 69 3.56 6.73 -11.75
N GLY B 70 3.51 6.07 -10.59
CA GLY B 70 4.61 5.22 -10.17
C GLY B 70 5.86 5.95 -9.70
N LYS B 71 6.00 7.21 -10.12
CA LYS B 71 7.14 8.03 -9.74
C LYS B 71 7.34 8.01 -8.21
N GLY B 72 6.31 7.61 -7.47
CA GLY B 72 6.44 7.57 -6.04
C GLY B 72 6.28 6.18 -5.48
N SER B 73 6.34 5.18 -6.35
CA SER B 73 6.16 3.79 -5.90
C SER B 73 7.12 3.34 -4.79
N ALA B 74 8.18 4.11 -4.57
CA ALA B 74 9.15 3.78 -3.54
C ALA B 74 8.56 4.03 -2.15
N TYR B 75 7.58 4.92 -2.08
CA TYR B 75 6.95 5.26 -0.82
C TYR B 75 5.95 4.22 -0.36
N SER B 76 5.52 4.39 0.89
CA SER B 76 4.53 3.53 1.47
C SER B 76 3.30 4.42 1.43
N ARG B 77 2.12 3.84 1.51
CA ARG B 77 0.93 4.66 1.47
C ARG B 77 1.05 5.73 2.54
N HIS B 78 1.56 5.35 3.70
CA HIS B 78 1.70 6.29 4.80
C HIS B 78 2.52 7.53 4.44
N ASN B 79 3.75 7.34 3.96
CA ASN B 79 4.59 8.48 3.61
C ASN B 79 4.12 9.28 2.42
N ALA B 80 3.62 8.60 1.40
CA ALA B 80 3.12 9.26 0.21
C ALA B 80 2.05 10.26 0.64
N GLU B 81 1.19 9.86 1.57
CA GLU B 81 0.11 10.71 2.06
C GLU B 81 0.64 11.87 2.90
N ARG B 82 1.78 11.66 3.54
CA ARG B 82 2.40 12.69 4.35
C ARG B 82 3.13 13.69 3.45
N LEU B 83 3.66 13.20 2.33
CA LEU B 83 4.33 14.08 1.37
C LEU B 83 3.30 15.09 0.85
N PHE B 84 2.07 14.61 0.58
CA PHE B 84 1.00 15.47 0.09
C PHE B 84 0.48 16.36 1.21
N LYS B 85 0.40 15.82 2.43
CA LYS B 85 -0.07 16.62 3.54
C LYS B 85 0.86 17.82 3.65
N LYS B 86 2.16 17.57 3.56
CA LYS B 86 3.15 18.62 3.64
C LYS B 86 2.98 19.67 2.56
N LEU B 87 2.73 19.22 1.33
CA LEU B 87 2.54 20.14 0.24
C LEU B 87 1.33 21.03 0.45
N ILE B 88 0.28 20.50 1.07
CA ILE B 88 -0.90 21.31 1.31
C ILE B 88 -0.62 22.32 2.42
N LEU B 89 0.21 21.93 3.39
CA LEU B 89 0.55 22.81 4.51
C LEU B 89 1.56 23.88 4.11
N ASP B 90 2.42 23.57 3.16
CA ASP B 90 3.41 24.52 2.68
C ASP B 90 2.79 25.49 1.69
N LYS B 91 1.52 25.22 1.35
CA LYS B 91 0.77 26.03 0.42
C LYS B 91 1.27 25.88 -1.01
N ILE B 92 1.85 24.73 -1.31
CA ILE B 92 2.32 24.43 -2.66
C ILE B 92 1.09 23.86 -3.37
N LEU B 93 0.28 23.15 -2.59
CA LEU B 93 -0.98 22.60 -3.09
C LEU B 93 -2.06 23.12 -2.14
N ASP B 94 -3.30 23.09 -2.61
CA ASP B 94 -4.42 23.55 -1.83
C ASP B 94 -5.46 22.46 -1.74
N GLU B 95 -6.44 22.67 -0.89
CA GLU B 95 -7.48 21.69 -0.66
C GLU B 95 -8.74 22.41 -0.24
N ASP B 96 -9.90 21.84 -0.58
CA ASP B 96 -11.15 22.46 -0.18
C ASP B 96 -12.25 21.43 -0.16
N LEU B 97 -13.11 21.53 0.86
CA LEU B 97 -14.24 20.63 1.00
C LEU B 97 -15.35 21.17 0.12
N TYR B 98 -16.05 20.25 -0.54
CA TYR B 98 -17.11 20.61 -1.45
C TYR B 98 -18.29 19.65 -1.29
N ILE B 99 -19.51 20.17 -1.42
CA ILE B 99 -20.70 19.32 -1.32
C ILE B 99 -21.34 19.14 -2.70
N ASN B 100 -21.25 17.93 -3.23
CA ASN B 100 -21.81 17.65 -4.55
C ASN B 100 -23.33 17.53 -4.50
N ALA B 101 -23.93 17.27 -5.66
CA ALA B 101 -25.38 17.13 -5.76
C ALA B 101 -25.86 15.87 -5.04
N ASN B 102 -24.92 15.14 -4.45
CA ASN B 102 -25.20 13.92 -3.68
C ASN B 102 -25.37 14.34 -2.21
N ASP B 103 -25.17 15.64 -1.97
CA ASP B 103 -25.28 16.22 -0.64
C ASP B 103 -24.28 15.60 0.35
N GLN B 104 -23.18 15.09 -0.18
CA GLN B 104 -22.12 14.53 0.64
C GLN B 104 -20.88 15.35 0.36
N ALA B 105 -20.09 15.59 1.41
CA ALA B 105 -18.89 16.39 1.30
C ALA B 105 -17.71 15.59 0.79
N ILE B 106 -16.96 16.20 -0.12
CA ILE B 106 -15.79 15.58 -0.72
C ILE B 106 -14.66 16.60 -0.70
N ALA B 107 -13.45 16.17 -0.34
CA ALA B 107 -12.32 17.07 -0.32
C ALA B 107 -11.60 16.96 -1.66
N TYR B 108 -11.33 18.10 -2.28
CA TYR B 108 -10.64 18.10 -3.56
C TYR B 108 -9.28 18.78 -3.45
N VAL B 109 -8.44 18.57 -4.45
CA VAL B 109 -7.11 19.14 -4.45
C VAL B 109 -6.77 20.00 -5.65
N MET B 110 -6.28 21.21 -5.39
CA MET B 110 -5.87 22.09 -6.48
C MET B 110 -4.51 22.72 -6.12
N LEU B 111 -4.12 23.77 -6.83
CA LEU B 111 -2.83 24.39 -6.56
C LEU B 111 -2.83 25.47 -5.48
N GLY B 112 -1.70 25.63 -4.81
CA GLY B 112 -1.57 26.65 -3.78
C GLY B 112 -0.86 27.83 -4.41
N ASN B 113 -0.65 28.90 -3.64
CA ASN B 113 0.03 30.05 -4.20
C ASN B 113 1.54 29.82 -4.31
N LYS B 114 2.08 28.91 -3.50
CA LYS B 114 3.51 28.63 -3.55
C LYS B 114 3.82 27.67 -4.69
N ALA B 115 2.78 27.22 -5.38
CA ALA B 115 2.94 26.30 -6.51
C ALA B 115 3.78 26.92 -7.62
N GLN B 116 3.46 28.16 -7.96
CA GLN B 116 4.19 28.89 -8.98
C GLN B 116 5.66 29.05 -8.60
N THR B 117 5.93 29.29 -7.33
CA THR B 117 7.30 29.47 -6.88
C THR B 117 8.10 28.18 -7.08
N VAL B 118 7.52 27.07 -6.62
CA VAL B 118 8.16 25.76 -6.74
C VAL B 118 8.47 25.49 -8.20
N LEU B 119 7.46 25.69 -9.02
CA LEU B 119 7.58 25.43 -10.44
C LEU B 119 8.67 26.24 -11.16
N ASN B 120 8.75 27.55 -10.93
CA ASN B 120 9.77 28.38 -11.59
C ASN B 120 11.14 28.23 -10.95
N GLY B 121 11.34 27.13 -10.23
CA GLY B 121 12.61 26.86 -9.59
C GLY B 121 13.07 27.84 -8.51
N ASN B 122 12.14 28.54 -7.88
CA ASN B 122 12.53 29.50 -6.83
C ASN B 122 12.18 29.00 -5.44
N LEU B 123 12.02 27.68 -5.30
CA LEU B 123 11.69 27.09 -4.01
C LEU B 123 11.98 25.61 -3.98
N LYS B 124 12.80 25.21 -3.02
CA LYS B 124 13.18 23.80 -2.83
C LYS B 124 12.31 23.19 -1.75
N VAL B 125 12.01 21.90 -1.88
CA VAL B 125 11.18 21.23 -0.89
C VAL B 125 11.87 20.00 -0.37
N ASP B 126 11.88 19.83 0.95
CA ASP B 126 12.51 18.66 1.57
C ASP B 126 11.45 17.79 2.21
N PHE B 127 11.67 16.48 2.23
CA PHE B 127 10.70 15.60 2.84
C PHE B 127 11.33 14.64 3.86
N MET B 128 10.62 14.42 4.96
CA MET B 128 11.08 13.50 6.01
C MET B 128 10.13 12.30 6.15
N GLU B 129 10.67 11.10 5.96
CA GLU B 129 9.89 9.85 6.05
C GLU B 129 9.87 9.24 7.45
N THR B 130 8.71 8.70 7.84
CA THR B 130 8.56 8.08 9.15
C THR B 130 7.95 6.69 9.01
N GLU B 131 8.42 5.76 9.84
CA GLU B 131 7.99 4.36 9.80
C GLU B 131 6.75 3.98 10.62
N ASN B 132 5.92 4.96 10.98
CA ASN B 132 4.73 4.69 11.77
C ASN B 132 3.46 4.83 10.93
P PO4 C . -2.12 -0.98 -4.91
O1 PO4 C . -0.76 -0.35 -4.88
O2 PO4 C . -3.15 0.04 -4.54
O3 PO4 C . -2.41 -1.48 -6.30
O4 PO4 C . -2.18 -2.10 -3.96
C ACT D . -11.40 -17.76 0.67
O ACT D . -11.57 -17.19 1.75
OXT ACT D . -10.55 -17.34 -0.10
CH3 ACT D . -12.23 -18.97 0.29
#